data_4NWB
#
_entry.id   4NWB
#
_cell.length_a   61.292
_cell.length_b   65.271
_cell.length_c   71.404
_cell.angle_alpha   90.00
_cell.angle_beta   111.03
_cell.angle_gamma   90.00
#
_symmetry.space_group_name_H-M   'C 1 2 1'
#
loop_
_entity.id
_entity.type
_entity.pdbx_description
1 polymer 'mRNA turnover protein 4'
2 non-polymer 'SULFATE ION'
3 water water
#
_entity_poly.entity_id   1
_entity_poly.type   'polypeptide(L)'
_entity_poly.pdbx_seq_one_letter_code
;(MSE)PKSKRARVYHLTQVNKKGREAKERLFSNIRETIPKYQHCFVFSVDN(MSE)RNNYLKDVRHELNDCRIFFGKTKL
(MSE)ARALGTTPEEEQADGLHRLTRYLTGTVGLLFTNRDPADIESYFSNLSQVDFARAGTVAPRTVTVPPGIVYSTGGE
VPPEHDVPVSHTLEPELRRLG(MSE)PVR(MSE)IKGKVCLGDEKGEASEGYTICKEGEVLDSRQTRLLKLFSICLSEFK
VSLLGYWSSASGEVTELEAGKTRPKREGNRRQA(MSE)NGDE(MSE)DEDQSSDEDSDGSHHHHHH
;
_entity_poly.pdbx_strand_id   A
#
loop_
_chem_comp.id
_chem_comp.type
_chem_comp.name
_chem_comp.formula
SO4 non-polymer 'SULFATE ION' 'O4 S -2'
#
# COMPACT_ATOMS: atom_id res chain seq x y z
N LYS A 5 7.26 16.07 46.43
CA LYS A 5 6.29 15.30 45.67
C LYS A 5 5.46 16.20 44.75
N ARG A 6 5.27 15.76 43.51
CA ARG A 6 4.65 16.61 42.51
C ARG A 6 3.41 15.99 41.88
N ALA A 7 2.49 16.85 41.48
CA ALA A 7 1.26 16.40 40.86
C ALA A 7 1.58 15.95 39.44
N ARG A 8 0.71 15.12 38.89
CA ARG A 8 0.91 14.63 37.54
C ARG A 8 1.00 15.76 36.51
N VAL A 9 0.22 16.83 36.69
CA VAL A 9 0.22 17.91 35.71
C VAL A 9 1.58 18.62 35.63
N TYR A 10 2.27 18.70 36.77
CA TYR A 10 3.64 19.23 36.77
C TYR A 10 4.53 18.38 35.87
N HIS A 11 4.47 17.07 36.08
CA HIS A 11 5.21 16.10 35.28
C HIS A 11 4.87 16.21 33.79
N LEU A 12 3.58 16.34 33.49
CA LEU A 12 3.14 16.44 32.10
C LEU A 12 3.61 17.72 31.43
N THR A 13 3.61 18.80 32.19
CA THR A 13 4.03 20.12 31.69
C THR A 13 5.51 20.16 31.32
N GLN A 14 6.36 19.54 32.14
CA GLN A 14 7.79 19.51 31.87
C GLN A 14 8.12 18.66 30.65
N VAL A 15 7.45 17.51 30.55
CA VAL A 15 7.57 16.62 29.40
C VAL A 15 7.10 17.30 28.11
N ASN A 16 6.09 18.15 28.21
CA ASN A 16 5.47 18.79 27.05
C ASN A 16 6.39 19.76 26.31
N LYS A 17 7.48 20.17 26.96
CA LYS A 17 8.42 21.10 26.35
C LYS A 17 9.13 20.52 25.13
N ARG A 25 1.87 19.69 13.54
CA ARG A 25 1.72 18.27 13.28
C ARG A 25 0.60 18.05 12.25
N LEU A 26 0.14 16.81 12.14
CA LEU A 26 -0.71 16.39 11.03
C LEU A 26 -2.01 17.19 10.93
N PHE A 27 -2.70 17.33 12.06
CA PHE A 27 -3.98 18.03 12.10
C PHE A 27 -3.86 19.47 11.59
N SER A 28 -2.94 20.22 12.21
CA SER A 28 -2.75 21.63 11.86
C SER A 28 -2.24 21.82 10.44
N ASN A 29 -1.31 20.96 10.03
CA ASN A 29 -0.78 21.00 8.67
C ASN A 29 -1.85 20.80 7.61
N ILE A 30 -2.76 19.84 7.83
CA ILE A 30 -3.87 19.64 6.88
C ILE A 30 -4.76 20.89 6.83
N ARG A 31 -5.11 21.44 7.98
CA ARG A 31 -5.96 22.63 7.98
C ARG A 31 -5.31 23.83 7.30
N GLU A 32 -3.99 23.96 7.46
CA GLU A 32 -3.25 25.05 6.84
C GLU A 32 -3.25 24.88 5.31
N THR A 33 -3.36 23.64 4.87
CA THR A 33 -3.18 23.27 3.47
C THR A 33 -4.46 23.41 2.62
N ILE A 34 -5.59 23.13 3.26
CA ILE A 34 -6.89 23.14 2.59
C ILE A 34 -7.14 24.37 1.68
N PRO A 35 -6.91 25.61 2.19
CA PRO A 35 -7.24 26.81 1.39
C PRO A 35 -6.37 26.99 0.16
N LYS A 36 -5.27 26.25 0.07
CA LYS A 36 -4.23 26.53 -0.90
C LYS A 36 -4.32 25.72 -2.20
N TYR A 37 -5.22 24.73 -2.25
CA TYR A 37 -5.25 23.80 -3.40
C TYR A 37 -6.61 23.65 -4.05
N GLN A 38 -6.63 23.44 -5.37
CA GLN A 38 -7.88 23.25 -6.06
C GLN A 38 -8.58 21.93 -5.73
N HIS A 39 -7.79 20.88 -5.47
CA HIS A 39 -8.36 19.55 -5.27
C HIS A 39 -7.77 18.88 -4.06
N CYS A 40 -8.61 18.09 -3.38
CA CYS A 40 -8.11 17.15 -2.37
C CYS A 40 -8.59 15.75 -2.74
N PHE A 41 -7.66 14.85 -3.05
CA PHE A 41 -7.99 13.46 -3.40
C PHE A 41 -7.85 12.57 -2.15
N VAL A 42 -8.71 11.58 -2.01
CA VAL A 42 -8.42 10.50 -1.08
C VAL A 42 -7.90 9.34 -1.90
N PHE A 43 -6.78 8.74 -1.49
CA PHE A 43 -6.30 7.56 -2.18
C PHE A 43 -6.15 6.42 -1.21
N SER A 44 -6.34 5.19 -1.69
CA SER A 44 -6.03 4.02 -0.90
C SER A 44 -4.73 3.47 -1.47
N VAL A 45 -4.00 2.71 -0.67
CA VAL A 45 -2.69 2.21 -1.08
CA VAL A 45 -2.70 2.22 -1.11
C VAL A 45 -2.50 0.76 -0.69
N ASP A 46 -1.87 -0.01 -1.56
CA ASP A 46 -1.42 -1.35 -1.22
C ASP A 46 0.09 -1.30 -1.06
N ASN A 47 0.62 -2.02 -0.07
N ASN A 47 0.55 -1.92 0.03
CA ASN A 47 2.08 -2.09 0.14
CA ASN A 47 1.96 -2.13 0.28
C ASN A 47 2.76 -0.73 0.15
C ASN A 47 2.78 -0.84 0.29
N MSE A 48 2.24 0.18 0.96
CA MSE A 48 2.92 1.46 1.14
C MSE A 48 4.15 1.19 1.99
O MSE A 48 4.09 0.50 3.00
CB MSE A 48 2.01 2.47 1.83
CG MSE A 48 2.65 3.85 2.10
SE MSE A 48 2.76 5.03 0.54
CE MSE A 48 1.20 6.14 0.88
N ARG A 49 5.30 1.70 1.54
CA ARG A 49 6.53 1.63 2.31
C ARG A 49 7.06 3.04 2.42
N ASN A 50 7.82 3.31 3.49
CA ASN A 50 8.34 4.65 3.71
CA ASN A 50 8.38 4.65 3.73
C ASN A 50 9.06 5.21 2.48
N ASN A 51 9.93 4.42 1.89
CA ASN A 51 10.66 4.87 0.71
C ASN A 51 9.75 5.24 -0.46
N TYR A 52 8.66 4.50 -0.65
CA TYR A 52 7.77 4.76 -1.78
C TYR A 52 7.05 6.09 -1.56
N LEU A 53 6.64 6.35 -0.32
CA LEU A 53 5.94 7.60 -0.02
C LEU A 53 6.86 8.78 -0.25
N LYS A 54 8.13 8.62 0.11
CA LYS A 54 9.12 9.67 -0.09
C LYS A 54 9.29 9.93 -1.57
N ASP A 55 9.34 8.86 -2.37
CA ASP A 55 9.48 9.03 -3.82
C ASP A 55 8.27 9.69 -4.48
N VAL A 56 7.05 9.31 -4.06
CA VAL A 56 5.85 9.97 -4.55
C VAL A 56 5.86 11.45 -4.17
N ARG A 57 6.18 11.75 -2.91
CA ARG A 57 6.27 13.15 -2.48
C ARG A 57 7.29 13.95 -3.26
N HIS A 58 8.43 13.34 -3.56
CA HIS A 58 9.47 14.02 -4.32
C HIS A 58 9.05 14.30 -5.78
N GLU A 59 8.43 13.32 -6.41
CA GLU A 59 7.98 13.48 -7.80
C GLU A 59 6.80 14.46 -7.90
N LEU A 60 5.91 14.41 -6.93
CA LEU A 60 4.78 15.33 -6.88
C LEU A 60 5.10 16.48 -5.91
N ASN A 61 6.22 17.14 -6.14
CA ASN A 61 6.75 18.11 -5.18
C ASN A 61 5.88 19.36 -5.08
N ASP A 62 5.05 19.58 -6.09
CA ASP A 62 4.06 20.66 -6.05
C ASP A 62 2.75 20.27 -5.37
N CYS A 63 2.66 19.04 -4.87
CA CYS A 63 1.45 18.60 -4.18
C CYS A 63 1.79 18.39 -2.70
N ARG A 64 0.77 18.21 -1.88
CA ARG A 64 1.01 17.89 -0.48
C ARG A 64 0.28 16.61 -0.15
N ILE A 65 1.01 15.63 0.38
CA ILE A 65 0.44 14.31 0.60
C ILE A 65 0.47 14.02 2.08
N PHE A 66 -0.64 13.59 2.63
CA PHE A 66 -0.73 13.27 4.06
C PHE A 66 -1.11 11.82 4.18
N PHE A 67 -0.55 11.16 5.19
CA PHE A 67 -0.74 9.74 5.34
C PHE A 67 -0.54 9.45 6.81
N GLY A 68 -1.58 9.68 7.59
CA GLY A 68 -1.55 9.45 9.02
C GLY A 68 -2.80 8.73 9.47
N LYS A 69 -3.06 8.78 10.76
CA LYS A 69 -4.24 8.14 11.32
C LYS A 69 -5.46 8.67 10.62
N THR A 70 -6.32 7.77 10.21
CA THR A 70 -7.47 8.11 9.40
CA THR A 70 -7.49 8.13 9.41
C THR A 70 -8.48 8.97 10.18
N LYS A 71 -8.65 8.66 11.46
CA LYS A 71 -9.57 9.42 12.27
C LYS A 71 -9.12 10.87 12.38
N LEU A 72 -7.81 11.07 12.50
CA LEU A 72 -7.26 12.41 12.65
C LEU A 72 -7.45 13.22 11.37
N MSE A 73 -7.15 12.60 10.23
CA MSE A 73 -7.29 13.27 8.95
C MSE A 73 -8.75 13.64 8.71
O MSE A 73 -9.04 14.72 8.21
CB MSE A 73 -6.76 12.40 7.80
CG MSE A 73 -5.28 12.06 7.98
SE MSE A 73 -4.45 11.42 6.36
CE MSE A 73 -5.45 9.79 6.18
N ALA A 74 -9.66 12.76 9.10
CA ALA A 74 -11.09 13.02 8.90
C ALA A 74 -11.55 14.23 9.73
N ARG A 75 -11.10 14.28 10.97
CA ARG A 75 -11.42 15.40 11.85
C ARG A 75 -10.75 16.70 11.40
N ALA A 76 -9.55 16.60 10.82
CA ALA A 76 -8.90 17.80 10.29
C ALA A 76 -9.76 18.43 9.19
N LEU A 77 -10.29 17.59 8.31
CA LEU A 77 -11.13 18.08 7.22
C LEU A 77 -12.47 18.56 7.74
N GLY A 78 -13.00 17.86 8.75
CA GLY A 78 -14.33 18.11 9.27
C GLY A 78 -15.33 17.11 8.73
N THR A 79 -15.98 16.34 9.62
CA THR A 79 -16.82 15.23 9.18
C THR A 79 -18.30 15.56 9.05
N THR A 80 -18.66 16.79 9.41
CA THR A 80 -20.04 17.23 9.34
C THR A 80 -20.09 18.60 8.66
N PRO A 81 -21.26 18.98 8.14
CA PRO A 81 -21.38 20.31 7.53
C PRO A 81 -21.01 21.41 8.51
N GLU A 82 -21.28 21.22 9.79
CA GLU A 82 -20.97 22.20 10.81
C GLU A 82 -19.46 22.35 11.05
N GLU A 83 -18.74 21.25 10.92
CA GLU A 83 -17.32 21.22 11.27
C GLU A 83 -16.38 21.29 10.06
N GLU A 84 -16.91 21.18 8.85
CA GLU A 84 -16.03 21.13 7.68
C GLU A 84 -15.26 22.45 7.51
N GLN A 85 -14.02 22.35 7.03
CA GLN A 85 -13.14 23.52 6.92
C GLN A 85 -13.29 24.23 5.57
N ALA A 86 -14.05 23.62 4.66
CA ALA A 86 -14.41 24.23 3.39
C ALA A 86 -15.73 23.63 2.91
N ASP A 87 -16.46 24.40 2.10
CA ASP A 87 -17.79 24.02 1.65
CA ASP A 87 -17.80 24.02 1.67
C ASP A 87 -17.82 22.65 1.00
N GLY A 88 -18.56 21.73 1.61
CA GLY A 88 -18.77 20.40 1.04
C GLY A 88 -17.69 19.38 1.36
N LEU A 89 -16.67 19.82 2.09
CA LEU A 89 -15.54 18.96 2.33
C LEU A 89 -15.90 17.74 3.18
N HIS A 90 -16.94 17.86 4.00
CA HIS A 90 -17.32 16.73 4.85
C HIS A 90 -17.64 15.48 4.03
N ARG A 91 -18.10 15.64 2.79
CA ARG A 91 -18.47 14.48 2.01
C ARG A 91 -17.24 13.67 1.59
N LEU A 92 -16.09 14.33 1.50
CA LEU A 92 -14.84 13.66 1.15
C LEU A 92 -14.43 12.71 2.30
N THR A 93 -14.77 13.07 3.53
CA THR A 93 -14.38 12.24 4.67
C THR A 93 -15.03 10.87 4.67
N ARG A 94 -16.09 10.72 3.86
CA ARG A 94 -16.76 9.42 3.77
C ARG A 94 -15.86 8.32 3.23
N TYR A 95 -14.78 8.70 2.54
CA TYR A 95 -13.83 7.74 1.99
C TYR A 95 -12.77 7.33 2.99
N LEU A 96 -12.67 8.05 4.10
CA LEU A 96 -11.55 7.81 5.01
C LEU A 96 -11.76 6.58 5.89
N THR A 97 -11.50 5.41 5.30
CA THR A 97 -11.46 4.13 6.03
C THR A 97 -10.27 3.31 5.56
N GLY A 98 -9.69 2.53 6.46
CA GLY A 98 -8.59 1.68 6.06
C GLY A 98 -7.33 2.44 5.71
N THR A 99 -6.53 1.91 4.80
CA THR A 99 -5.22 2.46 4.56
C THR A 99 -5.32 3.49 3.44
N VAL A 100 -5.58 4.73 3.84
CA VAL A 100 -5.80 5.81 2.90
C VAL A 100 -4.94 7.04 3.21
N GLY A 101 -4.83 7.92 2.23
CA GLY A 101 -4.14 9.19 2.44
C GLY A 101 -4.88 10.31 1.72
N LEU A 102 -4.39 11.52 1.91
CA LEU A 102 -4.93 12.70 1.24
C LEU A 102 -3.87 13.25 0.30
N LEU A 103 -4.31 13.75 -0.84
CA LEU A 103 -3.40 14.38 -1.79
C LEU A 103 -4.02 15.70 -2.21
N PHE A 104 -3.35 16.79 -1.86
CA PHE A 104 -3.81 18.13 -2.23
C PHE A 104 -3.00 18.59 -3.43
N THR A 105 -3.68 19.12 -4.44
CA THR A 105 -2.97 19.45 -5.67
C THR A 105 -3.68 20.50 -6.48
N ASN A 106 -2.91 21.20 -7.31
CA ASN A 106 -3.49 22.11 -8.28
C ASN A 106 -3.43 21.55 -9.69
N ARG A 107 -2.93 20.32 -9.81
CA ARG A 107 -2.89 19.61 -11.09
CA ARG A 107 -2.89 19.64 -11.10
C ARG A 107 -4.27 19.17 -11.56
N ASP A 108 -4.39 18.98 -12.87
CA ASP A 108 -5.64 18.47 -13.42
C ASP A 108 -5.83 17.03 -12.91
N PRO A 109 -7.07 16.65 -12.61
CA PRO A 109 -7.32 15.25 -12.17
C PRO A 109 -6.84 14.18 -13.16
N ALA A 110 -6.82 14.46 -14.46
CA ALA A 110 -6.35 13.48 -15.42
C ALA A 110 -4.83 13.28 -15.29
N ASP A 111 -4.14 14.33 -14.88
CA ASP A 111 -2.70 14.25 -14.69
C ASP A 111 -2.37 13.36 -13.48
N ILE A 112 -3.12 13.57 -12.41
CA ILE A 112 -3.01 12.75 -11.20
C ILE A 112 -3.36 11.30 -11.51
N GLU A 113 -4.45 11.08 -12.23
CA GLU A 113 -4.85 9.73 -12.62
CA GLU A 113 -4.84 9.73 -12.59
C GLU A 113 -3.76 9.06 -13.44
N SER A 114 -3.20 9.79 -14.40
CA SER A 114 -2.11 9.26 -15.24
C SER A 114 -0.91 8.82 -14.42
N TYR A 115 -0.48 9.67 -13.50
CA TYR A 115 0.68 9.37 -12.66
C TYR A 115 0.52 8.06 -11.89
N PHE A 116 -0.62 7.90 -11.22
CA PHE A 116 -0.82 6.72 -10.37
C PHE A 116 -1.23 5.46 -11.13
N SER A 117 -1.71 5.62 -12.35
CA SER A 117 -2.09 4.43 -13.13
C SER A 117 -0.84 3.69 -13.58
N ASN A 118 0.28 4.41 -13.70
CA ASN A 118 1.53 3.83 -14.17
CA ASN A 118 1.52 3.82 -14.17
C ASN A 118 2.52 3.53 -13.04
N LEU A 119 2.21 4.03 -11.84
CA LEU A 119 3.11 3.90 -10.71
C LEU A 119 2.99 2.53 -10.06
N SER A 120 4.10 1.81 -9.99
CA SER A 120 4.10 0.55 -9.23
C SER A 120 5.52 0.12 -8.88
N GLN A 121 5.62 -0.75 -7.89
CA GLN A 121 6.89 -1.30 -7.52
C GLN A 121 6.58 -2.60 -6.82
N VAL A 122 7.52 -3.52 -6.85
CA VAL A 122 7.29 -4.82 -6.23
C VAL A 122 8.27 -5.06 -5.09
N ASP A 123 7.85 -5.90 -4.15
CA ASP A 123 8.61 -6.22 -2.97
C ASP A 123 8.33 -7.66 -2.59
N PHE A 124 9.14 -8.21 -1.70
CA PHE A 124 8.81 -9.49 -1.06
C PHE A 124 7.57 -9.34 -0.19
N ALA A 125 6.60 -10.22 -0.41
CA ALA A 125 5.41 -10.26 0.43
C ALA A 125 5.72 -10.59 1.88
N ARG A 126 4.96 -10.00 2.79
CA ARG A 126 5.05 -10.32 4.20
C ARG A 126 3.89 -11.22 4.65
N ALA A 127 4.11 -11.94 5.74
CA ALA A 127 3.07 -12.83 6.26
C ALA A 127 1.80 -12.02 6.52
N GLY A 128 0.66 -12.57 6.14
CA GLY A 128 -0.61 -11.89 6.36
C GLY A 128 -1.17 -11.35 5.04
N THR A 129 -0.29 -11.20 4.06
CA THR A 129 -0.68 -10.71 2.74
C THR A 129 -1.39 -11.81 1.97
N VAL A 130 -2.40 -11.42 1.19
CA VAL A 130 -3.10 -12.36 0.35
C VAL A 130 -2.32 -12.54 -0.95
N ALA A 131 -2.06 -13.79 -1.31
CA ALA A 131 -1.32 -14.08 -2.54
C ALA A 131 -2.12 -13.65 -3.76
N PRO A 132 -1.53 -12.80 -4.61
CA PRO A 132 -2.20 -12.28 -5.81
C PRO A 132 -2.25 -13.31 -6.94
N ARG A 133 -1.47 -14.38 -6.83
CA ARG A 133 -1.41 -15.36 -7.89
C ARG A 133 -0.86 -16.65 -7.31
N THR A 134 -1.10 -17.75 -8.01
CA THR A 134 -0.59 -19.04 -7.59
C THR A 134 0.86 -19.15 -8.03
N VAL A 135 1.70 -19.69 -7.15
CA VAL A 135 3.12 -19.88 -7.44
C VAL A 135 3.43 -21.34 -7.30
N THR A 136 3.83 -21.96 -8.42
CA THR A 136 4.17 -23.37 -8.42
C THR A 136 5.56 -23.56 -8.99
N VAL A 137 6.42 -24.27 -8.25
CA VAL A 137 7.75 -24.62 -8.74
C VAL A 137 7.60 -25.89 -9.60
N PRO A 138 8.06 -25.87 -10.85
CA PRO A 138 7.85 -27.02 -11.74
C PRO A 138 8.67 -28.25 -11.34
N PRO A 139 8.26 -29.45 -11.78
CA PRO A 139 9.03 -30.65 -11.46
C PRO A 139 10.41 -30.65 -12.13
N GLY A 140 11.30 -31.52 -11.68
CA GLY A 140 12.64 -31.61 -12.23
C GLY A 140 13.65 -30.72 -11.53
N ILE A 141 14.65 -30.26 -12.29
CA ILE A 141 15.70 -29.42 -11.76
C ILE A 141 15.11 -28.14 -11.19
N VAL A 142 15.47 -27.83 -9.94
CA VAL A 142 14.99 -26.62 -9.30
C VAL A 142 15.91 -25.45 -9.62
N TYR A 143 15.36 -24.42 -10.25
CA TYR A 143 16.14 -23.23 -10.57
C TYR A 143 16.06 -22.20 -9.45
N SER A 144 16.94 -21.20 -9.52
CA SER A 144 17.14 -20.30 -8.38
C SER A 144 15.94 -19.39 -8.10
N THR A 145 15.06 -19.18 -9.07
CA THR A 145 13.85 -18.38 -8.87
C THR A 145 12.61 -19.28 -8.94
N GLY A 146 12.83 -20.58 -8.95
CA GLY A 146 11.72 -21.52 -8.92
C GLY A 146 10.69 -21.36 -10.02
N GLY A 147 11.14 -20.93 -11.19
CA GLY A 147 10.24 -20.85 -12.33
C GLY A 147 9.70 -19.45 -12.56
N GLU A 148 9.99 -18.54 -11.63
CA GLU A 148 9.60 -17.14 -11.79
C GLU A 148 10.23 -16.56 -13.07
N VAL A 149 11.51 -16.87 -13.30
CA VAL A 149 12.23 -16.53 -14.52
C VAL A 149 12.28 -17.78 -15.41
N PRO A 150 12.20 -17.63 -16.75
CA PRO A 150 12.35 -18.82 -17.59
C PRO A 150 13.69 -19.51 -17.34
N PRO A 151 13.70 -20.85 -17.34
CA PRO A 151 14.87 -21.64 -16.98
C PRO A 151 16.12 -21.18 -17.73
N GLU A 152 16.01 -20.93 -19.04
CA GLU A 152 17.20 -20.55 -19.80
C GLU A 152 17.84 -19.22 -19.37
N HIS A 153 17.07 -18.41 -18.65
CA HIS A 153 17.57 -17.14 -18.12
C HIS A 153 18.01 -17.29 -16.67
N ASP A 154 17.76 -18.47 -16.11
CA ASP A 154 18.00 -18.72 -14.68
C ASP A 154 19.17 -19.68 -14.53
N VAL A 155 19.50 -20.01 -13.29
CA VAL A 155 20.58 -20.91 -12.98
CA VAL A 155 20.59 -20.91 -12.95
C VAL A 155 20.10 -21.88 -11.90
N PRO A 156 20.69 -23.10 -11.84
CA PRO A 156 20.23 -24.03 -10.78
C PRO A 156 20.35 -23.43 -9.38
N VAL A 157 19.42 -23.76 -8.50
CA VAL A 157 19.43 -23.25 -7.12
C VAL A 157 20.65 -23.78 -6.36
N SER A 158 21.18 -22.98 -5.45
CA SER A 158 22.36 -23.37 -4.67
C SER A 158 22.05 -24.56 -3.76
N HIS A 159 22.95 -25.53 -3.71
CA HIS A 159 22.74 -26.69 -2.83
C HIS A 159 22.79 -26.30 -1.34
N THR A 160 23.29 -25.10 -1.08
CA THR A 160 23.22 -24.47 0.25
C THR A 160 21.80 -24.56 0.82
N LEU A 161 20.82 -24.32 -0.05
CA LEU A 161 19.43 -24.16 0.34
C LEU A 161 18.63 -25.47 0.45
N GLU A 162 19.21 -26.58 0.01
CA GLU A 162 18.47 -27.85 -0.04
C GLU A 162 17.88 -28.33 1.30
N PRO A 163 18.67 -28.28 2.40
CA PRO A 163 18.02 -28.63 3.67
C PRO A 163 17.04 -27.54 4.14
N GLU A 164 17.33 -26.29 3.81
CA GLU A 164 16.43 -25.19 4.10
C GLU A 164 15.09 -25.37 3.39
N LEU A 165 15.14 -25.71 2.11
CA LEU A 165 13.94 -25.96 1.32
C LEU A 165 13.14 -27.14 1.88
N ARG A 166 13.83 -28.20 2.28
CA ARG A 166 13.16 -29.36 2.86
C ARG A 166 12.52 -29.03 4.21
N ARG A 167 13.20 -28.21 5.00
CA ARG A 167 12.66 -27.79 6.31
C ARG A 167 11.36 -27.01 6.11
N LEU A 168 11.28 -26.32 4.98
CA LEU A 168 10.13 -25.48 4.69
C LEU A 168 9.02 -26.22 3.94
N GLY A 169 9.19 -27.52 3.74
CA GLY A 169 8.12 -28.34 3.22
C GLY A 169 8.26 -28.89 1.82
N MSE A 170 9.32 -28.51 1.11
CA MSE A 170 9.52 -28.99 -0.27
C MSE A 170 10.23 -30.33 -0.33
O MSE A 170 11.33 -30.49 0.21
CB MSE A 170 10.31 -27.98 -1.08
CG MSE A 170 9.57 -26.72 -1.37
SE MSE A 170 10.56 -25.72 -2.70
CE MSE A 170 10.28 -26.89 -4.26
N PRO A 171 9.61 -31.32 -1.00
CA PRO A 171 10.21 -32.65 -1.12
C PRO A 171 11.28 -32.69 -2.19
N VAL A 172 12.32 -31.87 -2.05
CA VAL A 172 13.40 -31.83 -3.04
C VAL A 172 14.45 -32.88 -2.70
N ARG A 173 15.10 -33.41 -3.75
CA ARG A 173 16.13 -34.41 -3.58
C ARG A 173 17.38 -34.05 -4.37
N MSE A 174 18.51 -34.61 -3.96
CA MSE A 174 19.77 -34.42 -4.67
C MSE A 174 19.92 -35.43 -5.80
O MSE A 174 19.97 -36.63 -5.57
CB MSE A 174 20.95 -34.54 -3.70
CG MSE A 174 21.17 -33.33 -2.80
SE MSE A 174 21.42 -31.67 -3.82
CE MSE A 174 22.91 -32.24 -4.96
N ILE A 175 19.98 -34.92 -7.03
CA ILE A 175 20.14 -35.77 -8.20
C ILE A 175 21.24 -35.21 -9.13
N LYS A 176 22.31 -35.97 -9.29
CA LYS A 176 23.42 -35.60 -10.17
C LYS A 176 24.01 -34.22 -9.86
N GLY A 177 24.10 -33.90 -8.57
CA GLY A 177 24.71 -32.65 -8.14
C GLY A 177 23.79 -31.44 -8.25
N LYS A 178 22.51 -31.69 -8.49
CA LYS A 178 21.52 -30.62 -8.57
C LYS A 178 20.26 -30.92 -7.75
N VAL A 179 19.73 -29.89 -7.11
CA VAL A 179 18.48 -29.99 -6.36
C VAL A 179 17.31 -30.22 -7.31
N CYS A 180 16.52 -31.26 -7.02
CA CYS A 180 15.43 -31.67 -7.91
C CYS A 180 14.12 -32.00 -7.19
N LEU A 181 13.01 -31.75 -7.89
CA LEU A 181 11.70 -32.24 -7.46
C LEU A 181 11.37 -33.53 -8.21
N GLY A 182 11.59 -34.67 -7.55
CA GLY A 182 11.33 -35.95 -8.18
C GLY A 182 12.47 -36.42 -9.07
N GLU A 190 4.23 -32.73 -11.62
CA GLU A 190 3.29 -32.16 -10.65
C GLU A 190 3.77 -30.82 -10.07
N GLY A 191 5.02 -30.77 -9.64
CA GLY A 191 5.58 -29.56 -9.06
C GLY A 191 5.14 -29.28 -7.62
N TYR A 192 5.63 -28.19 -7.06
CA TYR A 192 5.31 -27.82 -5.69
C TYR A 192 4.62 -26.47 -5.63
N THR A 193 3.39 -26.42 -5.13
CA THR A 193 2.70 -25.13 -5.02
C THR A 193 3.09 -24.44 -3.73
N ILE A 194 3.78 -23.30 -3.83
CA ILE A 194 4.14 -22.52 -2.64
C ILE A 194 2.90 -21.84 -2.07
N CYS A 195 2.10 -21.25 -2.94
CA CYS A 195 0.87 -20.61 -2.49
C CYS A 195 -0.17 -20.57 -3.59
N LYS A 196 -1.44 -20.48 -3.20
CA LYS A 196 -2.53 -20.38 -4.17
C LYS A 196 -3.11 -18.97 -4.15
N GLU A 197 -3.51 -18.48 -5.31
CA GLU A 197 -4.19 -17.19 -5.41
C GLU A 197 -5.32 -17.05 -4.37
N GLY A 198 -5.30 -15.96 -3.62
CA GLY A 198 -6.38 -15.64 -2.70
C GLY A 198 -6.14 -16.21 -1.31
N GLU A 199 -5.04 -16.92 -1.16
CA GLU A 199 -4.65 -17.52 0.11
C GLU A 199 -3.86 -16.52 0.97
N VAL A 200 -4.07 -16.55 2.27
CA VAL A 200 -3.28 -15.69 3.15
C VAL A 200 -1.94 -16.34 3.43
N LEU A 201 -0.86 -15.64 3.13
CA LEU A 201 0.49 -16.18 3.24
C LEU A 201 0.95 -16.24 4.69
N ASP A 202 1.57 -17.35 5.07
CA ASP A 202 2.17 -17.42 6.40
C ASP A 202 3.68 -17.29 6.31
N SER A 203 4.32 -17.31 7.48
CA SER A 203 5.76 -17.06 7.58
C SER A 203 6.58 -18.08 6.78
N ARG A 204 6.13 -19.33 6.75
CA ARG A 204 6.81 -20.38 5.99
C ARG A 204 6.79 -20.07 4.50
N GLN A 205 5.61 -19.74 3.98
CA GLN A 205 5.48 -19.41 2.56
C GLN A 205 6.26 -18.15 2.16
N THR A 206 6.22 -17.10 2.97
CA THR A 206 6.93 -15.88 2.62
C THR A 206 8.44 -16.11 2.65
N ARG A 207 8.87 -17.04 3.51
CA ARG A 207 10.27 -17.41 3.53
C ARG A 207 10.66 -18.13 2.23
N LEU A 208 9.84 -19.08 1.79
CA LEU A 208 10.10 -19.78 0.53
C LEU A 208 10.10 -18.82 -0.65
N LEU A 209 9.16 -17.88 -0.65
CA LEU A 209 9.10 -16.94 -1.77
C LEU A 209 10.37 -16.09 -1.83
N LYS A 210 10.80 -15.59 -0.67
CA LYS A 210 12.00 -14.77 -0.60
C LYS A 210 13.24 -15.56 -1.02
N LEU A 211 13.31 -16.83 -0.65
CA LEU A 211 14.43 -17.68 -1.05
C LEU A 211 14.57 -17.83 -2.56
N PHE A 212 13.44 -17.82 -3.27
CA PHE A 212 13.43 -17.87 -4.74
C PHE A 212 13.38 -16.47 -5.35
N SER A 213 13.52 -15.45 -4.50
CA SER A 213 13.50 -14.05 -4.95
C SER A 213 12.21 -13.65 -5.66
N ILE A 214 11.09 -14.25 -5.26
CA ILE A 214 9.82 -14.01 -5.92
C ILE A 214 9.11 -12.87 -5.20
N CYS A 215 8.79 -11.78 -5.92
CA CYS A 215 8.17 -10.60 -5.32
C CYS A 215 6.68 -10.56 -5.57
N LEU A 216 5.89 -10.98 -4.59
CA LEU A 216 4.45 -11.07 -4.77
C LEU A 216 3.74 -9.83 -4.25
N SER A 217 4.47 -8.91 -3.66
CA SER A 217 3.88 -7.71 -3.10
C SER A 217 4.05 -6.54 -4.07
N GLU A 218 2.96 -5.85 -4.40
CA GLU A 218 3.05 -4.74 -5.35
C GLU A 218 2.49 -3.47 -4.76
N PHE A 219 3.30 -2.41 -4.76
CA PHE A 219 2.87 -1.11 -4.30
C PHE A 219 2.00 -0.50 -5.39
N LYS A 220 0.84 0.00 -5.00
CA LYS A 220 -0.16 0.45 -5.96
C LYS A 220 -1.07 1.47 -5.27
N VAL A 221 -1.37 2.57 -5.97
CA VAL A 221 -2.24 3.60 -5.40
C VAL A 221 -3.53 3.67 -6.20
N SER A 222 -4.66 3.72 -5.51
CA SER A 222 -5.97 3.83 -6.17
C SER A 222 -6.61 5.12 -5.73
N LEU A 223 -7.06 5.93 -6.67
CA LEU A 223 -7.74 7.18 -6.33
C LEU A 223 -9.22 6.90 -6.08
N LEU A 224 -9.72 7.30 -4.91
CA LEU A 224 -11.09 6.99 -4.57
C LEU A 224 -12.07 8.06 -5.02
N GLY A 225 -11.64 9.31 -4.90
CA GLY A 225 -12.50 10.42 -5.24
C GLY A 225 -11.81 11.71 -4.89
N TYR A 226 -12.37 12.84 -5.31
CA TYR A 226 -11.74 14.09 -4.90
C TYR A 226 -12.74 15.21 -4.72
N TRP A 227 -12.41 16.14 -3.83
CA TRP A 227 -13.21 17.33 -3.63
C TRP A 227 -12.52 18.47 -4.38
N SER A 228 -13.32 19.37 -4.96
CA SER A 228 -12.79 20.51 -5.71
C SER A 228 -13.31 21.80 -5.11
N SER A 229 -12.39 22.73 -4.84
CA SER A 229 -12.71 24.04 -4.29
CA SER A 229 -12.75 24.02 -4.27
C SER A 229 -13.62 24.86 -5.21
N ALA A 230 -13.42 24.71 -6.52
CA ALA A 230 -14.22 25.47 -7.48
C ALA A 230 -15.72 25.22 -7.37
N SER A 231 -16.11 23.98 -7.07
CA SER A 231 -17.51 23.58 -7.01
C SER A 231 -18.01 23.26 -5.59
N GLY A 232 -17.09 22.93 -4.69
CA GLY A 232 -17.42 22.41 -3.37
C GLY A 232 -18.01 21.01 -3.46
N GLU A 233 -17.81 20.34 -4.59
CA GLU A 233 -18.42 19.04 -4.83
C GLU A 233 -17.38 17.94 -4.83
N VAL A 234 -17.82 16.73 -4.53
CA VAL A 234 -16.93 15.56 -4.58
C VAL A 234 -17.16 14.79 -5.87
N THR A 235 -16.09 14.48 -6.59
CA THR A 235 -16.16 13.63 -7.76
C THR A 235 -15.76 12.23 -7.34
N GLU A 236 -16.68 11.28 -7.50
CA GLU A 236 -16.40 9.90 -7.12
CA GLU A 236 -16.44 9.89 -7.12
C GLU A 236 -15.77 9.14 -8.27
N LEU A 237 -14.65 8.47 -7.99
CA LEU A 237 -13.99 7.67 -9.00
C LEU A 237 -14.32 6.20 -8.81
N GLU A 238 -14.02 5.38 -9.82
CA GLU A 238 -14.41 3.97 -9.80
C GLU A 238 -13.99 3.23 -8.55
N ALA A 239 -12.73 3.36 -8.16
CA ALA A 239 -12.23 2.66 -6.99
C ALA A 239 -12.96 3.04 -5.70
N GLY A 240 -13.54 4.23 -5.68
CA GLY A 240 -14.25 4.72 -4.51
C GLY A 240 -15.67 4.20 -4.42
N LYS A 241 -16.21 3.72 -5.53
CA LYS A 241 -17.62 3.31 -5.57
C LYS A 241 -17.93 2.12 -4.66
N THR A 242 -17.20 1.02 -4.83
CA THR A 242 -17.49 -0.20 -4.09
C THR A 242 -16.70 -0.34 -2.79
N ARG A 243 -16.01 0.72 -2.39
CA ARG A 243 -15.25 0.68 -1.14
C ARG A 243 -16.13 1.11 0.03
N PRO A 244 -16.02 0.40 1.16
CA PRO A 244 -16.86 0.76 2.31
C PRO A 244 -16.56 2.20 2.78
N LYS A 245 -17.59 2.86 3.29
CA LYS A 245 -17.48 4.28 3.63
C LYS A 245 -17.35 4.47 5.14
N ARG A 246 -16.87 5.65 5.56
CA ARG A 246 -16.66 5.94 6.97
CA ARG A 246 -16.66 5.90 6.98
C ARG A 246 -17.96 6.06 7.75
N GLU A 247 -18.00 5.44 8.93
CA GLU A 247 -19.12 5.60 9.84
C GLU A 247 -18.67 6.54 10.95
N GLY A 248 -19.47 7.57 11.21
CA GLY A 248 -19.17 8.53 12.26
C GLY A 248 -19.04 7.87 13.63
N ASN A 249 -18.02 8.28 14.39
CA ASN A 249 -17.73 7.69 15.70
C ASN A 249 -18.65 8.17 16.81
N ARG A 250 -18.87 9.48 16.87
CA ARG A 250 -19.74 10.07 17.88
C ARG A 250 -21.18 9.58 17.71
S SO4 B . -16.87 11.66 13.77
O1 SO4 B . -15.86 10.66 14.14
O2 SO4 B . -17.92 11.67 14.80
O3 SO4 B . -16.23 12.97 13.69
O4 SO4 B . -17.46 11.29 12.49
S SO4 C . 7.37 -12.04 7.39
O1 SO4 C . 8.51 -11.36 6.79
O2 SO4 C . 6.41 -12.38 6.34
O3 SO4 C . 7.81 -13.25 8.06
O4 SO4 C . 6.72 -11.14 8.35
S SO4 D . 3.48 8.95 31.73
O1 SO4 D . 3.97 8.28 30.53
O2 SO4 D . 3.30 7.98 32.81
O3 SO4 D . 4.42 9.99 32.13
O4 SO4 D . 2.19 9.56 31.38
S SO4 E . -12.62 11.02 20.25
O1 SO4 E . -13.73 11.19 21.19
O2 SO4 E . -12.50 12.22 19.43
O3 SO4 E . -11.37 10.85 21.00
O4 SO4 E . -12.88 9.84 19.43
S SO4 F . -12.06 3.92 17.10
O1 SO4 F . -11.95 2.91 18.14
O2 SO4 F . -12.20 5.23 17.71
O3 SO4 F . -10.85 3.90 16.27
O4 SO4 F . -13.21 3.63 16.26
#